data_3TQ4
#
_entry.id   3TQ4
#
_cell.length_a   60.564
_cell.length_b   60.564
_cell.length_c   64.018
_cell.angle_alpha   90.000
_cell.angle_beta   90.000
_cell.angle_gamma   120.000
#
_symmetry.space_group_name_H-M   'P 63'
#
loop_
_entity.id
_entity.type
_entity.pdbx_description
1 polymer "DEOXYURIDINE 5'-TRIPHOSPHATE NUCLEOTIDO HYDROLASE"
2 non-polymer "2'-DEOXYURIDINE 5'-MONOPHOSPHATE"
3 non-polymer 'MAGNESIUM ION'
4 non-polymer "2'-DEOXYURIDINE 5'-ALPHA,BETA-IMIDO-TRIPHOSPHATE"
5 non-polymer 2-AMINO-2-HYDROXYMETHYL-PROPANE-1,3-DIOL
6 water water
#
_entity_poly.entity_id   1
_entity_poly.type   'polypeptide(L)'
_entity_poly.pdbx_seq_one_letter_code
;KRVEGPAPGPETSLWGSQLCSSQQKQPISKLTRATPGSAGLDLCSTSHTVLTPEMGPQALSTGIYGPLPPNTFGLILGRS
SITMKGLQVYPGVIDNDYTGEIKIMAKAVNNIVTVSQGNRIAQLILLPLIETDNKVQQPYRGQGSFGSSDIY
;
_entity_poly.pdbx_strand_id   A
#
loop_
_chem_comp.id
_chem_comp.type
_chem_comp.name
_chem_comp.formula
DUP non-polymer '2'-DEOXYURIDINE 5'-ALPHA,BETA-IMIDO-TRIPHOSPHATE' 'C9 H16 N3 O13 P3'
MG non-polymer 'MAGNESIUM ION' 'Mg 2'
TRS non-polymer 2-AMINO-2-HYDROXYMETHYL-PROPANE-1,3-DIOL 'C4 H12 N O3 1'
UMP non-polymer '2'-DEOXYURIDINE 5'-MONOPHOSPHATE' 'C9 H13 N2 O8 P'
#
# COMPACT_ATOMS: atom_id res chain seq x y z
N LYS A 25 -15.42 -0.89 -7.82
CA LYS A 25 -14.60 -0.93 -6.55
C LYS A 25 -14.43 -2.38 -6.06
N GLN A 26 -13.24 -2.71 -5.58
CA GLN A 26 -12.96 -4.04 -5.01
C GLN A 26 -12.61 -3.91 -3.53
N PRO A 27 -13.16 -4.74 -2.66
CA PRO A 27 -12.91 -4.70 -1.20
C PRO A 27 -11.62 -5.42 -0.82
N ILE A 28 -11.14 -5.19 0.40
CA ILE A 28 -9.90 -5.79 0.85
CA ILE A 28 -9.96 -5.79 1.03
C ILE A 28 -9.96 -7.32 0.92
N SER A 29 -11.17 -7.87 1.02
CA SER A 29 -11.34 -9.31 1.06
C SER A 29 -10.90 -9.94 -0.26
N LYS A 30 -10.77 -9.15 -1.32
CA LYS A 30 -10.28 -9.71 -2.59
C LYS A 30 -8.77 -9.83 -2.64
N LEU A 31 -8.07 -9.22 -1.68
CA LEU A 31 -6.61 -9.29 -1.69
C LEU A 31 -6.10 -10.67 -1.33
N THR A 32 -4.86 -10.96 -1.74
CA THR A 32 -4.29 -12.29 -1.47
C THR A 32 -2.95 -12.19 -0.68
N ARG A 33 -2.64 -13.28 0.02
CA ARG A 33 -1.39 -13.47 0.77
C ARG A 33 -0.51 -14.33 -0.09
N ALA A 34 0.79 -14.03 -0.12
CA ALA A 34 1.81 -14.90 -0.72
C ALA A 34 1.76 -16.33 -0.18
N THR A 35 1.62 -16.48 1.13
CA THR A 35 1.78 -17.74 1.83
C THR A 35 0.99 -17.60 3.14
N PRO A 36 0.58 -18.72 3.76
CA PRO A 36 -0.07 -18.70 5.09
C PRO A 36 0.62 -17.89 6.17
N GLY A 37 1.94 -17.83 6.17
CA GLY A 37 2.62 -17.12 7.27
C GLY A 37 2.95 -15.65 6.92
N SER A 38 2.61 -15.24 5.69
CA SER A 38 2.85 -13.85 5.19
C SER A 38 2.00 -12.87 5.98
N ALA A 39 2.63 -11.83 6.52
CA ALA A 39 1.99 -10.91 7.39
C ALA A 39 1.11 -10.01 6.53
N GLY A 40 1.49 -9.82 5.27
CA GLY A 40 0.83 -8.78 4.47
C GLY A 40 -0.03 -9.28 3.34
N LEU A 41 -1.02 -8.46 3.00
CA LEU A 41 -1.84 -8.70 1.78
C LEU A 41 -1.25 -7.89 0.64
N ASP A 42 -1.07 -8.51 -0.51
CA ASP A 42 -0.36 -7.80 -1.57
CA ASP A 42 -0.41 -7.90 -1.66
C ASP A 42 -1.25 -6.78 -2.28
N LEU A 43 -0.63 -5.63 -2.58
CA LEU A 43 -1.25 -4.48 -3.27
C LEU A 43 -0.55 -4.21 -4.61
N CYS A 44 -1.30 -4.24 -5.70
CA CYS A 44 -0.74 -4.08 -7.03
C CYS A 44 -1.17 -2.75 -7.66
N SER A 45 -0.29 -2.22 -8.51
N SER A 45 -0.28 -2.24 -8.51
CA SER A 45 -0.57 -0.97 -9.19
CA SER A 45 -0.49 -1.07 -9.32
C SER A 45 -1.45 -1.19 -10.41
C SER A 45 -1.57 -1.32 -10.37
N THR A 46 -2.49 -0.38 -10.53
CA THR A 46 -3.41 -0.54 -11.66
C THR A 46 -2.95 0.11 -12.94
N SER A 47 -1.93 0.95 -12.85
CA SER A 47 -1.42 1.63 -14.03
C SER A 47 0.09 1.40 -14.24
N HIS A 48 0.52 1.57 -15.46
CA HIS A 48 1.94 1.75 -15.76
C HIS A 48 2.35 3.18 -15.37
N THR A 49 3.36 3.28 -14.52
CA THR A 49 3.81 4.58 -14.06
C THR A 49 5.35 4.66 -14.00
N VAL A 50 5.91 5.77 -14.50
CA VAL A 50 7.34 6.02 -14.34
C VAL A 50 7.51 7.06 -13.24
N LEU A 51 8.50 6.83 -12.34
CA LEU A 51 8.82 7.72 -11.19
CA LEU A 51 8.81 7.75 -11.24
C LEU A 51 10.29 8.11 -11.23
N THR A 52 10.59 9.37 -10.99
CA THR A 52 11.99 9.84 -10.90
C THR A 52 12.12 10.51 -9.54
N PRO A 53 13.33 10.61 -9.00
CA PRO A 53 13.52 11.24 -7.66
C PRO A 53 12.95 12.66 -7.61
N GLU A 54 13.14 13.45 -8.65
CA GLU A 54 12.67 14.84 -8.57
C GLU A 54 11.18 14.97 -8.51
N MET A 55 10.43 13.90 -8.81
CA MET A 55 8.98 14.01 -8.76
C MET A 55 8.42 14.02 -7.34
N GLY A 56 9.21 13.56 -6.38
CA GLY A 56 8.67 13.45 -5.01
C GLY A 56 7.51 12.45 -4.88
N PRO A 57 6.85 12.44 -3.70
CA PRO A 57 5.85 11.38 -3.43
C PRO A 57 4.73 11.34 -4.46
N GLN A 58 4.38 10.14 -4.89
CA GLN A 58 3.27 9.97 -5.80
C GLN A 58 2.26 8.99 -5.24
N ALA A 59 0.97 9.24 -5.46
CA ALA A 59 -0.06 8.29 -4.93
C ALA A 59 -0.47 7.32 -6.03
N LEU A 60 -0.11 6.03 -5.91
CA LEU A 60 -0.45 5.06 -6.96
C LEU A 60 -1.79 4.41 -6.65
N SER A 61 -2.64 4.33 -7.69
CA SER A 61 -3.95 3.69 -7.63
C SER A 61 -3.84 2.19 -7.47
N THR A 62 -4.79 1.60 -6.74
CA THR A 62 -4.84 0.16 -6.59
C THR A 62 -6.17 -0.40 -6.99
N GLY A 63 -7.20 0.43 -7.10
CA GLY A 63 -8.58 -0.07 -7.34
C GLY A 63 -9.17 -0.84 -6.12
N ILE A 64 -8.47 -0.84 -4.98
CA ILE A 64 -8.95 -1.55 -3.78
C ILE A 64 -9.43 -0.51 -2.79
N TYR A 65 -10.54 -0.81 -2.10
CA TYR A 65 -11.18 0.19 -1.24
C TYR A 65 -11.30 -0.30 0.20
N GLY A 66 -11.23 0.63 1.15
CA GLY A 66 -11.69 0.36 2.52
C GLY A 66 -13.22 0.11 2.47
N PRO A 67 -13.86 -0.20 3.63
CA PRO A 67 -13.30 -0.23 5.00
C PRO A 67 -12.73 -1.54 5.44
N LEU A 68 -12.20 -1.54 6.67
CA LEU A 68 -11.51 -2.69 7.21
C LEU A 68 -12.45 -3.45 8.14
N PRO A 69 -12.06 -4.67 8.53
CA PRO A 69 -12.77 -5.49 9.48
C PRO A 69 -12.90 -4.75 10.80
N PRO A 70 -14.00 -5.02 11.55
CA PRO A 70 -14.18 -4.31 12.82
C PRO A 70 -12.96 -4.47 13.73
N ASN A 71 -12.68 -3.39 14.45
CA ASN A 71 -11.59 -3.38 15.43
C ASN A 71 -10.19 -3.53 14.86
N THR A 72 -10.03 -3.23 13.57
CA THR A 72 -8.69 -3.31 12.96
C THR A 72 -8.40 -2.01 12.24
N PHE A 73 -7.11 -1.71 12.05
CA PHE A 73 -6.74 -0.66 11.13
C PHE A 73 -5.63 -1.23 10.23
N GLY A 74 -5.27 -0.48 9.20
CA GLY A 74 -4.29 -1.02 8.21
C GLY A 74 -3.03 -0.18 8.19
N LEU A 75 -1.94 -0.85 7.85
CA LEU A 75 -0.71 -0.14 7.56
C LEU A 75 -0.19 -0.60 6.19
N ILE A 76 0.07 0.35 5.29
CA ILE A 76 0.64 0.08 3.97
CA ILE A 76 0.66 0.05 3.98
C ILE A 76 2.16 0.15 4.18
N LEU A 77 2.85 -0.90 3.78
CA LEU A 77 4.30 -0.95 3.91
C LEU A 77 4.85 -1.44 2.60
N GLY A 78 6.15 -1.19 2.41
CA GLY A 78 6.82 -1.67 1.19
C GLY A 78 7.11 -3.17 1.20
N ARG A 79 7.27 -3.75 0.01
CA ARG A 79 7.85 -5.07 -0.09
C ARG A 79 9.32 -4.91 -0.16
N SER A 80 10.07 -5.76 0.55
CA SER A 80 11.54 -5.58 0.56
C SER A 80 12.20 -5.71 -0.76
N SER A 81 11.69 -6.60 -1.63
CA SER A 81 12.31 -6.72 -2.95
C SER A 81 12.21 -5.45 -3.79
N ILE A 82 11.14 -4.71 -3.56
CA ILE A 82 10.83 -3.45 -4.26
C ILE A 82 11.62 -2.30 -3.66
N THR A 83 11.63 -2.23 -2.30
CA THR A 83 12.49 -1.26 -1.64
C THR A 83 13.98 -1.34 -2.10
N MET A 84 14.49 -2.56 -2.25
CA MET A 84 15.88 -2.76 -2.60
C MET A 84 16.16 -2.44 -4.07
N LYS A 85 15.10 -2.44 -4.89
CA LYS A 85 15.16 -1.99 -6.27
C LYS A 85 14.94 -0.47 -6.43
N GLY A 86 14.81 0.26 -5.33
CA GLY A 86 14.91 1.70 -5.41
C GLY A 86 13.60 2.46 -5.34
N LEU A 87 12.51 1.75 -5.02
CA LEU A 87 11.20 2.40 -4.88
CA LEU A 87 11.20 2.39 -4.89
C LEU A 87 10.79 2.36 -3.43
N GLN A 88 10.73 3.53 -2.82
CA GLN A 88 10.35 3.64 -1.42
C GLN A 88 8.85 3.82 -1.30
N VAL A 89 8.23 3.01 -0.43
CA VAL A 89 6.81 3.20 -0.11
C VAL A 89 6.77 3.86 1.29
N TYR A 90 6.09 5.00 1.41
CA TYR A 90 5.97 5.69 2.69
C TYR A 90 4.89 4.94 3.49
N PRO A 91 5.17 4.53 4.71
CA PRO A 91 4.17 3.82 5.49
C PRO A 91 2.93 4.67 5.64
N GLY A 92 1.80 4.04 5.41
CA GLY A 92 0.56 4.79 5.48
C GLY A 92 -0.43 4.11 6.37
N VAL A 93 -1.22 4.92 7.09
CA VAL A 93 -2.17 4.39 8.06
C VAL A 93 -3.51 4.35 7.32
N ILE A 94 -4.16 3.19 7.33
CA ILE A 94 -5.51 3.12 6.79
C ILE A 94 -6.54 3.06 7.94
N ASP A 95 -7.41 4.05 8.03
CA ASP A 95 -8.31 4.10 9.17
C ASP A 95 -9.37 3.03 9.00
N ASN A 96 -9.89 2.59 10.13
CA ASN A 96 -10.95 1.53 10.10
C ASN A 96 -12.11 1.85 9.21
N ASP A 97 -12.49 3.11 9.20
CA ASP A 97 -13.78 3.48 8.56
C ASP A 97 -13.56 4.19 7.27
N TYR A 98 -12.33 4.11 6.76
CA TYR A 98 -12.06 4.72 5.46
C TYR A 98 -12.77 3.93 4.37
N THR A 99 -13.48 4.61 3.48
CA THR A 99 -14.22 3.94 2.41
C THR A 99 -13.72 4.33 1.03
N GLY A 100 -12.63 5.10 0.97
CA GLY A 100 -12.06 5.54 -0.28
C GLY A 100 -11.15 4.46 -0.85
N GLU A 101 -10.42 4.83 -1.91
CA GLU A 101 -9.49 3.91 -2.54
C GLU A 101 -8.17 3.92 -1.80
N ILE A 102 -7.62 2.73 -1.60
CA ILE A 102 -6.32 2.61 -0.92
C ILE A 102 -5.26 2.94 -1.97
N LYS A 103 -4.47 3.98 -1.71
CA LYS A 103 -3.43 4.36 -2.67
C LYS A 103 -2.06 4.12 -1.99
N ILE A 104 -1.08 3.83 -2.81
CA ILE A 104 0.28 3.56 -2.34
C ILE A 104 1.05 4.88 -2.49
N MET A 105 1.64 5.39 -1.41
CA MET A 105 2.42 6.64 -1.48
C MET A 105 3.88 6.19 -1.75
N ALA A 106 4.45 6.59 -2.89
CA ALA A 106 5.74 5.98 -3.30
C ALA A 106 6.70 7.05 -3.90
N LYS A 107 8.02 6.81 -3.80
CA LYS A 107 8.96 7.76 -4.39
C LYS A 107 10.14 6.99 -4.92
N ALA A 108 10.62 7.33 -6.13
CA ALA A 108 11.90 6.78 -6.60
C ALA A 108 13.04 7.40 -5.80
N VAL A 109 13.89 6.52 -5.22
CA VAL A 109 14.93 6.98 -4.29
C VAL A 109 16.08 7.74 -5.00
N ASN A 110 16.69 7.06 -5.97
CA ASN A 110 17.89 7.56 -6.62
CA ASN A 110 17.94 7.49 -6.63
C ASN A 110 17.82 7.54 -8.13
N ASN A 111 17.02 6.63 -8.66
CA ASN A 111 17.01 6.32 -10.07
C ASN A 111 15.63 6.32 -10.62
N ILE A 112 15.54 6.21 -11.95
CA ILE A 112 14.26 6.08 -12.66
C ILE A 112 13.67 4.70 -12.39
N VAL A 113 12.43 4.66 -11.91
CA VAL A 113 11.73 3.40 -11.57
C VAL A 113 10.52 3.29 -12.47
N THR A 114 10.33 2.12 -13.07
CA THR A 114 9.18 1.85 -13.90
C THR A 114 8.29 0.75 -13.27
N VAL A 115 7.04 1.12 -12.97
CA VAL A 115 6.05 0.24 -12.37
C VAL A 115 5.10 -0.20 -13.49
N SER A 116 4.95 -1.51 -13.70
CA SER A 116 3.99 -2.00 -14.68
C SER A 116 2.67 -2.35 -14.01
N GLN A 117 1.61 -2.27 -14.80
CA GLN A 117 0.28 -2.68 -14.41
C GLN A 117 0.31 -4.06 -13.80
N GLY A 118 -0.37 -4.23 -12.66
CA GLY A 118 -0.38 -5.52 -11.96
C GLY A 118 0.88 -5.94 -11.20
N ASN A 119 1.95 -5.17 -11.25
CA ASN A 119 3.11 -5.40 -10.39
C ASN A 119 2.69 -5.27 -8.90
N ARG A 120 3.17 -6.20 -8.06
CA ARG A 120 2.96 -6.15 -6.62
C ARG A 120 3.87 -5.10 -6.01
N ILE A 121 3.35 -3.93 -5.61
CA ILE A 121 4.23 -2.82 -5.19
C ILE A 121 4.33 -2.59 -3.65
N ALA A 122 3.31 -3.02 -2.91
CA ALA A 122 3.25 -2.75 -1.47
C ALA A 122 2.53 -3.92 -0.78
N GLN A 123 2.35 -3.82 0.53
CA GLN A 123 1.53 -4.80 1.24
C GLN A 123 0.71 -4.14 2.30
N LEU A 124 -0.47 -4.67 2.57
CA LEU A 124 -1.34 -4.17 3.60
C LEU A 124 -1.24 -5.11 4.80
N ILE A 125 -0.85 -4.55 5.95
CA ILE A 125 -0.82 -5.26 7.23
C ILE A 125 -2.06 -4.83 8.08
N LEU A 126 -2.73 -5.78 8.72
CA LEU A 126 -3.90 -5.46 9.58
C LEU A 126 -3.46 -5.59 11.02
N LEU A 127 -3.85 -4.59 11.82
CA LEU A 127 -3.42 -4.51 13.21
C LEU A 127 -4.64 -4.17 14.08
N PRO A 128 -4.57 -4.57 15.36
CA PRO A 128 -5.71 -4.29 16.24
C PRO A 128 -5.84 -2.80 16.49
N LEU A 129 -7.08 -2.34 16.56
CA LEU A 129 -7.28 -0.93 16.85
C LEU A 129 -7.59 -0.84 18.32
N ILE A 130 -6.66 -0.29 19.11
CA ILE A 130 -6.85 -0.11 20.53
C ILE A 130 -7.82 1.03 20.82
N GLU A 131 -8.78 0.78 21.72
CA GLU A 131 -9.66 1.83 22.25
C GLU A 131 -8.96 2.68 23.36
N THR A 132 -9.19 3.99 23.35
CA THR A 132 -8.67 4.88 24.40
C THR A 132 -9.79 5.87 24.73
N ASP A 133 -9.63 6.63 25.80
CA ASP A 133 -10.62 7.66 26.16
C ASP A 133 -10.31 8.99 25.47
N ASN A 134 -9.38 9.01 24.50
CA ASN A 134 -9.07 10.27 23.83
C ASN A 134 -10.30 10.89 23.18
N LYS A 135 -10.45 12.21 23.34
CA LYS A 135 -11.64 12.87 22.81
C LYS A 135 -11.58 12.81 21.29
N VAL A 136 -12.74 12.57 20.65
CA VAL A 136 -12.90 12.45 19.18
C VAL A 136 -13.74 13.57 18.56
N1 UMP B . -4.47 6.47 2.86
C2 UMP B . -4.13 5.70 1.78
N3 UMP B . -2.85 5.28 1.60
C4 UMP B . -1.85 5.59 2.47
C5 UMP B . -2.21 6.35 3.59
C6 UMP B . -3.52 6.81 3.79
O2 UMP B . -4.94 5.38 0.89
O4 UMP B . -0.70 5.15 2.27
C1' UMP B . -5.88 6.88 3.00
C2' UMP B . -6.49 5.93 4.07
C3' UMP B . -6.48 6.77 5.32
C4' UMP B . -6.72 8.17 4.74
O3' UMP B . -7.50 6.38 6.22
O4' UMP B . -6.02 8.19 3.49
C5' UMP B . -6.30 9.37 5.56
O5' UMP B . -4.89 9.23 5.69
P UMP B . -4.15 9.46 7.14
OP1 UMP B . -4.69 10.76 7.62
OP2 UMP B . -2.69 9.29 6.90
OP3 UMP B . -4.59 8.30 8.03
MG MG C . -5.23 11.39 9.85
O4 DUP D . -0.52 5.77 2.40
C4 DUP D . -1.70 6.04 2.64
C5 DUP D . -2.05 6.68 3.84
C6 DUP D . -3.38 7.00 4.09
N3 DUP D . -2.69 5.72 1.73
C2 DUP D . -4.00 6.03 2.00
O2 DUP D . -4.87 5.74 1.16
N1 DUP D . -4.35 6.66 3.18
C1' DUP D . -5.78 6.97 3.41
C2' DUP D . -6.42 5.94 4.34
C3' DUP D . -6.70 6.71 5.61
O3' DUP D . -7.94 6.38 6.17
O4' DUP D . -5.90 8.24 4.02
C4' DUP D . -6.74 8.16 5.16
C5' DUP D . -6.22 9.08 6.24
O5' DUP D . -4.81 8.94 6.27
PA DUP D . -4.02 9.88 7.30
O1A DUP D . -4.82 9.99 8.56
O2A DUP D . -2.60 9.42 7.51
N3A DUP D . -4.06 11.36 6.49
PB DUP D . -4.50 12.86 7.04
O1B DUP D . -4.32 12.97 8.54
O2B DUP D . -3.64 13.85 6.30
O3B DUP D . -6.05 13.02 6.64
PG DUP D . -7.28 12.95 7.67
O2G DUP D . -7.09 11.83 8.66
O1G DUP D . -7.20 14.23 8.46
O3G DUP D . -8.58 12.81 6.91
C TRS E . 9.78 5.75 5.95
C1 TRS E . 10.84 6.21 6.94
C2 TRS E . 10.41 4.79 4.94
C3 TRS E . 9.07 6.97 5.34
N TRS E . 8.81 4.97 6.69
O1 TRS E . 12.00 5.39 7.02
O2 TRS E . 9.66 4.45 3.79
O3 TRS E . 8.00 7.57 6.07
#